data_1XB2
#
_entry.id   1XB2
#
_cell.length_a   94.0
_cell.length_b   149.3
_cell.length_c   70.0
_cell.angle_alpha   90.0
_cell.angle_beta   125.2
_cell.angle_gamma   90.0
#
_symmetry.space_group_name_H-M   'C 1 2 1'
#
loop_
_entity.id
_entity.type
_entity.pdbx_description
1 polymer 'Elongation factor Tu, mitochondrial'
2 polymer 'Elongation factor Ts, mitochondrial'
3 water water
#
loop_
_entity_poly.entity_id
_entity_poly.type
_entity_poly.pdbx_seq_one_letter_code
_entity_poly.pdbx_strand_id
1 'polypeptide(L)'
;AVEAKKTYVRDKPHVNVGTIGHVDHGKTTLTAAITKILAEGGGAKFKKYEEIDNAPEERARGITINAAHVEYSTAARHYA
HTDCPGHADYVKN(MSE)ITGTAPLDGCILVVAANDGP(MSE)PQTREHLLLARQIGVEHVVVYVNKADAVQDSE(MSE)
VELVELEIRELLTEFGYKGEETPIIVGSALCALEQRDPELGLKSVQKLLDAVDTYIPVPTRDLEKPFLLPVESVYSIPGR
GTVVTGTLERGILKKGDECEFLGHSKNIRTVVTGIE(MSE)FHKSLDRAEAGDNLGALVRGLKREDLRRGLV(MSE)AKP
GSIQPHQKVEAQVYILTKEEGGRHKPFVSHF(MSE)PV(MSE)FSLTWD(MSE)ACRIILPPGKELA(MSE)PGEDLKLT
LILRQP(MSE)ILEKGQRFTLRDGNRTIGTGLVTDTPA(MSE)TEEDKNIKWS
;
A
2 'polypeptide(L)'
;SASSKELLMKLRRKTGYSFINCKKALETCGGDLKQAESWLHKQAQKEGWSKAARLHGRKTKEGLIGLLQEGDTTVLVEVN
CETDFVSRNLKFQQLVQQVALGTLLHCQNLKDQLSTYSKGFLNSSELSELPAGPEREGSLKDQLALAIGKLGENMILKRA
AWVKVPAGFYVGSYVHGAMHSPSLHNLVLGKYGALVICETSELKANLADLGRRLGQHVVGMAPLSVGSLDDEPGGEAETK
MLSQPYLLDPSITLGQYVQPHGVSVVDFVRFECGEGEDAADAELEHHHHHH
;
B
#
# COMPACT_ATOMS: atom_id res chain seq x y z
N PRO A 13 -16.47 -11.67 -21.48
CA PRO A 13 -16.31 -11.12 -20.12
C PRO A 13 -14.84 -10.79 -19.85
N HIS A 14 -14.60 -9.72 -19.10
CA HIS A 14 -13.23 -9.30 -18.78
C HIS A 14 -12.89 -9.57 -17.31
N VAL A 15 -11.73 -10.18 -17.08
CA VAL A 15 -11.29 -10.50 -15.73
C VAL A 15 -9.88 -9.96 -15.46
N ASN A 16 -9.68 -9.46 -14.24
CA ASN A 16 -8.39 -8.92 -13.81
C ASN A 16 -7.78 -9.88 -12.79
N VAL A 17 -6.55 -10.33 -13.06
CA VAL A 17 -5.87 -11.21 -12.13
C VAL A 17 -4.46 -10.73 -11.89
N GLY A 18 -3.99 -10.89 -10.65
CA GLY A 18 -2.65 -10.47 -10.32
C GLY A 18 -1.84 -11.61 -9.74
N THR A 19 -0.56 -11.64 -10.09
CA THR A 19 0.35 -12.66 -9.60
C THR A 19 1.14 -12.13 -8.41
N ILE A 20 0.99 -12.79 -7.27
CA ILE A 20 1.68 -12.43 -6.03
C ILE A 20 2.68 -13.51 -5.61
N GLY A 21 3.75 -13.11 -4.93
CA GLY A 21 4.75 -14.06 -4.46
C GLY A 21 6.18 -13.54 -4.55
N HIS A 22 7.13 -14.30 -4.01
CA HIS A 22 8.53 -13.91 -4.03
C HIS A 22 9.00 -13.83 -5.48
N VAL A 23 9.83 -12.84 -5.81
CA VAL A 23 10.30 -12.70 -7.19
C VAL A 23 11.13 -13.90 -7.68
N ASP A 24 11.89 -14.53 -6.79
CA ASP A 24 12.70 -15.68 -7.19
C ASP A 24 11.93 -16.99 -7.19
N HIS A 25 10.62 -16.92 -7.00
CA HIS A 25 9.83 -18.15 -6.97
C HIS A 25 9.17 -18.55 -8.29
N GLY A 26 9.32 -17.73 -9.33
CA GLY A 26 8.74 -18.12 -10.61
C GLY A 26 7.66 -17.28 -11.28
N LYS A 27 7.13 -16.29 -10.57
CA LYS A 27 6.09 -15.44 -11.12
C LYS A 27 6.31 -15.05 -12.57
N THR A 28 7.37 -14.30 -12.83
CA THR A 28 7.66 -13.84 -14.17
C THR A 28 7.85 -14.99 -15.16
N THR A 29 8.41 -16.10 -14.70
CA THR A 29 8.59 -17.24 -15.59
C THR A 29 7.23 -17.81 -15.97
N LEU A 30 6.35 -17.97 -14.99
CA LEU A 30 5.02 -18.52 -15.24
C LEU A 30 4.26 -17.63 -16.20
N THR A 31 4.27 -16.33 -15.92
CA THR A 31 3.58 -15.35 -16.75
C THR A 31 4.07 -15.44 -18.19
N ALA A 32 5.34 -15.78 -18.38
CA ALA A 32 5.89 -15.89 -19.72
C ALA A 32 5.45 -17.22 -20.34
N ALA A 33 5.44 -18.28 -19.54
CA ALA A 33 5.04 -19.59 -20.02
C ALA A 33 3.59 -19.55 -20.52
N ILE A 34 2.75 -18.80 -19.81
CA ILE A 34 1.35 -18.66 -20.18
C ILE A 34 1.24 -17.91 -21.51
N THR A 35 2.10 -16.91 -21.68
CA THR A 35 2.12 -16.11 -22.89
C THR A 35 2.47 -16.94 -24.13
N LYS A 36 3.46 -17.80 -24.00
CA LYS A 36 3.89 -18.63 -25.12
C LYS A 36 2.92 -19.76 -25.45
N ILE A 37 2.28 -20.32 -24.42
CA ILE A 37 1.33 -21.40 -24.64
C ILE A 37 0.05 -20.92 -25.33
N LEU A 38 -0.37 -19.70 -25.01
CA LEU A 38 -1.58 -19.15 -25.60
C LEU A 38 -1.31 -18.46 -26.94
N ALA A 39 -0.05 -18.43 -27.36
CA ALA A 39 0.33 -17.81 -28.61
C ALA A 39 0.11 -18.78 -29.76
N GLU A 40 -0.25 -20.00 -29.42
CA GLU A 40 -0.51 -21.05 -30.39
C GLU A 40 -1.97 -21.06 -30.83
N HIS A 69 2.30 -5.71 -17.07
CA HIS A 69 0.88 -5.71 -17.41
C HIS A 69 0.65 -6.30 -18.80
N VAL A 70 0.24 -7.56 -18.85
CA VAL A 70 0.00 -8.22 -20.12
C VAL A 70 -1.47 -8.59 -20.32
N GLU A 71 -1.79 -9.10 -21.50
CA GLU A 71 -3.14 -9.51 -21.83
C GLU A 71 -3.17 -10.77 -22.68
N TYR A 72 -3.98 -11.73 -22.26
CA TYR A 72 -4.13 -13.00 -22.97
C TYR A 72 -5.58 -13.41 -22.84
N SER A 73 -5.96 -14.49 -23.52
CA SER A 73 -7.33 -14.94 -23.46
C SER A 73 -7.50 -16.44 -23.57
N THR A 74 -8.26 -16.99 -22.62
CA THR A 74 -8.55 -18.41 -22.61
C THR A 74 -9.88 -18.53 -23.38
N ALA A 75 -10.41 -19.75 -23.48
CA ALA A 75 -11.64 -19.97 -24.20
C ALA A 75 -12.78 -19.20 -23.55
N ALA A 76 -12.77 -19.16 -22.22
CA ALA A 76 -13.80 -18.48 -21.45
C ALA A 76 -13.86 -16.94 -21.46
N ARG A 77 -12.75 -16.24 -21.19
CA ARG A 77 -12.81 -14.79 -21.12
C ARG A 77 -11.53 -14.10 -21.57
N HIS A 78 -11.55 -12.78 -21.48
CA HIS A 78 -10.41 -11.93 -21.81
C HIS A 78 -9.69 -11.70 -20.49
N TYR A 79 -8.38 -11.85 -20.47
CA TYR A 79 -7.64 -11.65 -19.24
C TYR A 79 -6.68 -10.48 -19.22
N ALA A 80 -6.66 -9.79 -18.08
CA ALA A 80 -5.78 -8.66 -17.85
C ALA A 80 -4.86 -9.13 -16.72
N HIS A 81 -3.64 -9.53 -17.09
CA HIS A 81 -2.68 -10.02 -16.12
C HIS A 81 -1.82 -8.91 -15.54
N THR A 82 -1.79 -8.82 -14.22
CA THR A 82 -1.00 -7.81 -13.54
C THR A 82 -0.01 -8.45 -12.55
N ASP A 83 1.14 -7.81 -12.37
CA ASP A 83 2.15 -8.31 -11.45
C ASP A 83 2.91 -7.13 -10.87
N CYS A 84 2.33 -6.49 -9.86
CA CYS A 84 2.94 -5.32 -9.21
C CYS A 84 3.98 -5.72 -8.18
N PRO A 85 5.08 -4.96 -8.11
CA PRO A 85 6.16 -5.24 -7.15
C PRO A 85 5.78 -5.02 -5.70
N GLY A 86 4.74 -4.22 -5.45
CA GLY A 86 4.38 -3.97 -4.07
C GLY A 86 2.95 -3.72 -3.65
N HIS A 87 2.78 -3.77 -2.35
CA HIS A 87 1.52 -3.56 -1.65
C HIS A 87 0.92 -2.21 -2.05
N ALA A 88 1.67 -1.13 -1.83
CA ALA A 88 1.21 0.21 -2.16
C ALA A 88 0.76 0.33 -3.62
N ASP A 89 1.37 -0.47 -4.49
CA ASP A 89 1.02 -0.45 -5.92
C ASP A 89 -0.34 -1.07 -6.19
N TYR A 90 -0.65 -2.17 -5.52
CA TYR A 90 -1.92 -2.82 -5.70
C TYR A 90 -3.03 -1.94 -5.11
N VAL A 91 -2.79 -1.38 -3.93
CA VAL A 91 -3.78 -0.52 -3.30
C VAL A 91 -4.05 0.69 -4.20
N LYS A 92 -2.99 1.27 -4.74
CA LYS A 92 -3.15 2.42 -5.63
C LYS A 92 -4.03 2.02 -6.81
N ASN A 93 -3.75 0.87 -7.41
CA ASN A 93 -4.52 0.40 -8.55
C ASN A 93 -5.98 0.17 -8.18
N ILE A 95 -7.76 1.72 -5.66
CA ILE A 95 -8.38 3.02 -5.46
C ILE A 95 -8.65 3.74 -6.77
N THR A 96 -7.63 3.85 -7.60
CA THR A 96 -7.75 4.50 -8.89
C THR A 96 -8.66 3.77 -9.87
N GLY A 97 -8.87 2.47 -9.63
CA GLY A 97 -9.72 1.68 -10.52
C GLY A 97 -9.01 1.28 -11.81
N THR A 98 -7.70 1.51 -11.85
CA THR A 98 -6.90 1.17 -13.02
C THR A 98 -6.88 -0.32 -13.31
N ALA A 99 -6.67 -1.13 -12.28
CA ALA A 99 -6.64 -2.57 -12.45
C ALA A 99 -7.25 -3.24 -11.23
N PRO A 100 -8.57 -3.13 -11.08
CA PRO A 100 -9.28 -3.74 -9.94
C PRO A 100 -9.26 -5.26 -10.10
N LEU A 101 -8.54 -5.94 -9.21
CA LEU A 101 -8.41 -7.38 -9.29
C LEU A 101 -9.60 -8.24 -8.85
N ASP A 102 -9.91 -9.24 -9.66
CA ASP A 102 -10.98 -10.17 -9.38
C ASP A 102 -10.42 -11.40 -8.66
N GLY A 103 -9.11 -11.61 -8.81
CA GLY A 103 -8.47 -12.73 -8.15
C GLY A 103 -6.96 -12.69 -8.26
N CYS A 104 -6.31 -13.51 -7.43
CA CYS A 104 -4.85 -13.59 -7.43
C CYS A 104 -4.34 -14.99 -7.71
N ILE A 105 -3.14 -15.05 -8.27
CA ILE A 105 -2.46 -16.30 -8.52
C ILE A 105 -1.23 -16.22 -7.62
N LEU A 106 -1.23 -16.97 -6.53
CA LEU A 106 -0.09 -17.01 -5.61
C LEU A 106 0.91 -18.07 -6.07
N VAL A 107 2.12 -17.62 -6.39
CA VAL A 107 3.19 -18.49 -6.87
C VAL A 107 4.21 -18.75 -5.75
N VAL A 108 4.33 -20.01 -5.36
CA VAL A 108 5.22 -20.44 -4.30
C VAL A 108 6.17 -21.54 -4.78
N ALA A 109 7.45 -21.44 -4.42
CA ALA A 109 8.43 -22.44 -4.81
C ALA A 109 8.36 -23.63 -3.87
N ALA A 110 8.43 -24.83 -4.43
CA ALA A 110 8.38 -26.08 -3.67
C ALA A 110 9.54 -26.22 -2.69
N ASN A 111 10.73 -25.82 -3.11
CA ASN A 111 11.90 -25.94 -2.24
C ASN A 111 11.85 -25.10 -0.98
N ASP A 112 11.51 -23.82 -1.15
CA ASP A 112 11.45 -22.94 0.00
C ASP A 112 10.12 -23.03 0.70
N GLY A 113 9.06 -23.17 -0.07
CA GLY A 113 7.74 -23.21 0.50
C GLY A 113 7.39 -21.77 0.81
N PRO A 114 6.31 -21.52 1.55
CA PRO A 114 5.93 -20.14 1.88
C PRO A 114 7.06 -19.36 2.56
N PRO A 116 8.35 -15.79 4.82
CA PRO A 116 7.69 -15.04 5.89
C PRO A 116 6.74 -13.96 5.32
N GLN A 117 7.17 -13.29 4.25
CA GLN A 117 6.33 -12.26 3.65
C GLN A 117 5.09 -12.79 2.95
N THR A 118 4.98 -14.12 2.80
CA THR A 118 3.81 -14.73 2.15
C THR A 118 2.58 -14.25 2.93
N ARG A 119 2.78 -14.01 4.22
CA ARG A 119 1.71 -13.52 5.08
C ARG A 119 1.25 -12.15 4.57
N GLU A 120 2.20 -11.25 4.26
CA GLU A 120 1.82 -9.94 3.77
C GLU A 120 1.25 -10.02 2.36
N HIS A 121 1.62 -11.05 1.60
CA HIS A 121 1.08 -11.19 0.25
C HIS A 121 -0.44 -11.45 0.33
N LEU A 122 -0.84 -12.26 1.31
CA LEU A 122 -2.25 -12.61 1.49
C LEU A 122 -3.02 -11.48 2.22
N LEU A 123 -2.35 -10.74 3.09
CA LEU A 123 -3.01 -9.63 3.78
C LEU A 123 -3.39 -8.60 2.74
N LEU A 124 -2.48 -8.37 1.79
CA LEU A 124 -2.72 -7.42 0.72
C LEU A 124 -3.93 -7.84 -0.12
N ALA A 125 -3.95 -9.10 -0.55
CA ALA A 125 -5.05 -9.63 -1.36
C ALA A 125 -6.37 -9.44 -0.63
N ARG A 126 -6.36 -9.75 0.66
CA ARG A 126 -7.54 -9.63 1.50
C ARG A 126 -7.98 -8.16 1.59
N GLN A 127 -7.01 -7.27 1.71
CA GLN A 127 -7.26 -5.84 1.84
C GLN A 127 -7.88 -5.20 0.60
N ILE A 128 -7.41 -5.57 -0.59
CA ILE A 128 -7.97 -4.98 -1.81
C ILE A 128 -9.25 -5.66 -2.30
N GLY A 129 -9.83 -6.51 -1.46
CA GLY A 129 -11.08 -7.17 -1.83
C GLY A 129 -11.04 -8.49 -2.59
N VAL A 130 -9.86 -9.03 -2.87
CA VAL A 130 -9.76 -10.32 -3.57
C VAL A 130 -10.27 -11.43 -2.67
N GLU A 131 -11.24 -12.20 -3.12
CA GLU A 131 -11.78 -13.29 -2.31
C GLU A 131 -11.50 -14.68 -2.88
N HIS A 132 -10.86 -14.72 -4.03
CA HIS A 132 -10.54 -15.98 -4.68
C HIS A 132 -9.07 -16.03 -5.08
N VAL A 133 -8.40 -17.08 -4.65
CA VAL A 133 -6.99 -17.26 -4.96
C VAL A 133 -6.75 -18.63 -5.62
N VAL A 134 -5.81 -18.67 -6.56
CA VAL A 134 -5.42 -19.92 -7.21
C VAL A 134 -3.91 -20.02 -6.93
N VAL A 135 -3.48 -21.21 -6.51
CA VAL A 135 -2.07 -21.39 -6.18
C VAL A 135 -1.28 -22.25 -7.17
N TYR A 136 -0.08 -21.80 -7.47
CA TYR A 136 0.83 -22.54 -8.35
C TYR A 136 2.11 -22.80 -7.56
N VAL A 137 2.34 -24.08 -7.26
CA VAL A 137 3.54 -24.49 -6.55
C VAL A 137 4.58 -24.87 -7.60
N ASN A 138 5.57 -24.00 -7.75
CA ASN A 138 6.65 -24.16 -8.73
C ASN A 138 7.81 -24.93 -8.14
N LYS A 139 8.26 -25.98 -8.85
CA LYS A 139 9.35 -26.78 -8.33
C LYS A 139 10.60 -26.96 -9.17
N ALA A 140 11.65 -27.36 -8.48
CA ALA A 140 12.93 -27.61 -9.10
C ALA A 140 12.84 -28.70 -10.13
N ASP A 141 11.61 -29.10 -10.47
CA ASP A 141 11.26 -30.14 -11.45
C ASP A 141 12.20 -31.35 -11.51
N ALA A 142 13.16 -31.41 -10.59
CA ALA A 142 14.14 -32.53 -10.61
C ALA A 142 13.44 -33.75 -10.05
N VAL A 143 12.12 -33.82 -10.28
CA VAL A 143 11.29 -34.95 -9.84
C VAL A 143 11.52 -35.31 -8.36
N GLN A 144 11.97 -34.31 -7.65
CA GLN A 144 12.35 -34.36 -6.22
C GLN A 144 11.67 -35.35 -5.21
N ASP A 145 10.69 -34.83 -4.46
CA ASP A 145 9.98 -35.62 -3.47
C ASP A 145 8.52 -35.19 -3.31
N SER A 146 7.60 -36.08 -3.69
CA SER A 146 6.17 -35.82 -3.61
C SER A 146 5.69 -35.50 -2.17
N GLU A 147 6.37 -36.06 -1.19
CA GLU A 147 6.00 -35.85 0.20
C GLU A 147 6.28 -34.41 0.63
N VAL A 149 6.48 -31.78 -1.30
CA VAL A 149 5.49 -30.98 -1.99
C VAL A 149 4.15 -31.04 -1.27
N GLU A 150 3.79 -32.23 -0.81
CA GLU A 150 2.53 -32.40 -0.10
C GLU A 150 2.48 -31.50 1.14
N LEU A 151 3.59 -31.42 1.87
CA LEU A 151 3.66 -30.59 3.07
C LEU A 151 3.56 -29.12 2.70
N VAL A 152 4.13 -28.74 1.57
CA VAL A 152 4.07 -27.36 1.09
C VAL A 152 2.61 -27.00 0.84
N GLU A 153 1.89 -27.88 0.13
CA GLU A 153 0.49 -27.63 -0.16
C GLU A 153 -0.29 -27.53 1.15
N LEU A 154 -0.01 -28.44 2.07
CA LEU A 154 -0.68 -28.43 3.36
C LEU A 154 -0.44 -27.10 4.09
N GLU A 155 0.80 -26.64 4.14
CA GLU A 155 1.09 -25.39 4.82
C GLU A 155 0.35 -24.25 4.14
N ILE A 156 0.41 -24.21 2.82
CA ILE A 156 -0.28 -23.17 2.07
C ILE A 156 -1.78 -23.11 2.38
N ARG A 157 -2.44 -24.26 2.44
CA ARG A 157 -3.86 -24.29 2.76
C ARG A 157 -4.11 -23.82 4.19
N GLU A 158 -3.15 -24.05 5.09
CA GLU A 158 -3.31 -23.59 6.47
C GLU A 158 -3.29 -22.07 6.46
N LEU A 159 -2.39 -21.52 5.66
CA LEU A 159 -2.27 -20.07 5.55
C LEU A 159 -3.53 -19.46 4.94
N LEU A 160 -3.95 -20.01 3.80
CA LEU A 160 -5.14 -19.53 3.11
C LEU A 160 -6.32 -19.50 4.09
N THR A 161 -6.51 -20.58 4.83
CA THR A 161 -7.60 -20.63 5.80
C THR A 161 -7.41 -19.54 6.85
N GLU A 162 -6.19 -19.39 7.32
CA GLU A 162 -5.89 -18.38 8.33
C GLU A 162 -6.34 -16.99 7.90
N PHE A 163 -6.18 -16.66 6.62
CA PHE A 163 -6.56 -15.34 6.13
C PHE A 163 -7.94 -15.24 5.53
N GLY A 164 -8.84 -16.10 5.98
CA GLY A 164 -10.22 -16.04 5.52
C GLY A 164 -10.58 -16.79 4.25
N TYR A 165 -9.59 -17.19 3.46
CA TYR A 165 -9.91 -17.91 2.25
C TYR A 165 -10.28 -19.34 2.58
N LYS A 166 -10.96 -20.01 1.64
CA LYS A 166 -11.33 -21.40 1.86
C LYS A 166 -10.19 -22.26 1.34
N GLY A 167 -9.20 -22.46 2.21
CA GLY A 167 -8.01 -23.24 1.89
C GLY A 167 -8.22 -24.66 1.39
N GLU A 168 -9.35 -25.26 1.76
CA GLU A 168 -9.63 -26.63 1.33
C GLU A 168 -10.15 -26.73 -0.10
N GLU A 169 -10.79 -25.69 -0.60
CA GLU A 169 -11.33 -25.73 -1.96
C GLU A 169 -10.47 -24.93 -2.93
N THR A 170 -9.44 -24.26 -2.43
CA THR A 170 -8.58 -23.48 -3.28
C THR A 170 -7.79 -24.39 -4.23
N PRO A 171 -7.86 -24.11 -5.53
CA PRO A 171 -7.14 -24.95 -6.48
C PRO A 171 -5.62 -24.73 -6.32
N ILE A 172 -4.88 -25.82 -6.10
CA ILE A 172 -3.42 -25.73 -5.98
C ILE A 172 -2.80 -26.62 -7.07
N ILE A 173 -2.19 -26.01 -8.08
CA ILE A 173 -1.54 -26.72 -9.18
C ILE A 173 -0.02 -26.81 -9.00
N VAL A 174 0.55 -28.01 -9.17
CA VAL A 174 1.99 -28.24 -9.03
C VAL A 174 2.67 -28.49 -10.38
N GLY A 175 3.77 -27.78 -10.63
CA GLY A 175 4.48 -27.93 -11.88
C GLY A 175 5.79 -27.16 -11.94
N SER A 176 6.30 -26.96 -13.15
CA SER A 176 7.54 -26.24 -13.36
C SER A 176 7.36 -25.21 -14.46
N ALA A 177 7.29 -23.94 -14.08
CA ALA A 177 7.10 -22.85 -15.04
C ALA A 177 8.22 -22.80 -16.08
N LEU A 178 9.42 -23.16 -15.65
CA LEU A 178 10.59 -23.15 -16.52
C LEU A 178 10.50 -24.18 -17.65
N CYS A 179 10.03 -25.39 -17.34
CA CYS A 179 9.89 -26.43 -18.37
C CYS A 179 8.84 -26.02 -19.39
N ALA A 180 7.74 -25.45 -18.90
CA ALA A 180 6.65 -25.00 -19.76
C ALA A 180 7.13 -23.91 -20.72
N LEU A 181 7.99 -23.03 -20.23
CA LEU A 181 8.52 -21.94 -21.04
C LEU A 181 9.54 -22.41 -22.06
N GLU A 182 10.27 -23.47 -21.72
CA GLU A 182 11.29 -23.99 -22.62
C GLU A 182 10.82 -25.19 -23.44
N GLN A 183 9.52 -25.33 -23.58
CA GLN A 183 8.94 -26.42 -24.37
C GLN A 183 9.54 -27.79 -24.01
N ARG A 184 9.82 -28.02 -22.73
CA ARG A 184 10.40 -29.30 -22.31
C ARG A 184 9.60 -29.98 -21.19
N ASP A 185 9.58 -31.31 -21.22
CA ASP A 185 8.84 -32.10 -20.24
C ASP A 185 7.43 -31.53 -20.07
N PRO A 186 6.50 -31.89 -20.99
CA PRO A 186 5.12 -31.43 -20.99
C PRO A 186 4.30 -31.86 -19.77
N GLU A 187 4.69 -32.98 -19.16
CA GLU A 187 3.98 -33.48 -17.99
C GLU A 187 4.07 -32.51 -16.82
N LEU A 188 5.23 -31.90 -16.63
CA LEU A 188 5.44 -30.94 -15.56
C LEU A 188 5.29 -29.50 -16.03
N GLY A 189 5.60 -29.25 -17.30
CA GLY A 189 5.50 -27.91 -17.84
C GLY A 189 4.12 -27.60 -18.40
N LEU A 190 3.95 -27.85 -19.69
CA LEU A 190 2.68 -27.60 -20.39
C LEU A 190 1.46 -28.03 -19.57
N LYS A 191 1.44 -29.28 -19.14
CA LYS A 191 0.33 -29.80 -18.36
C LYS A 191 -0.04 -28.93 -17.17
N SER A 192 0.94 -28.56 -16.35
CA SER A 192 0.66 -27.74 -15.17
C SER A 192 0.12 -26.36 -15.54
N VAL A 193 0.67 -25.74 -16.59
CA VAL A 193 0.21 -24.44 -17.01
C VAL A 193 -1.24 -24.52 -17.53
N GLN A 194 -1.56 -25.55 -18.29
CA GLN A 194 -2.92 -25.70 -18.81
C GLN A 194 -3.86 -25.90 -17.63
N LYS A 195 -3.42 -26.64 -16.63
CA LYS A 195 -4.28 -26.88 -15.47
C LYS A 195 -4.48 -25.59 -14.68
N LEU A 196 -3.44 -24.77 -14.61
CA LEU A 196 -3.52 -23.50 -13.90
C LEU A 196 -4.59 -22.64 -14.58
N LEU A 197 -4.46 -22.50 -15.90
CA LEU A 197 -5.41 -21.70 -16.67
C LEU A 197 -6.85 -22.20 -16.51
N ASP A 198 -7.03 -23.51 -16.51
CA ASP A 198 -8.38 -24.06 -16.33
C ASP A 198 -8.89 -23.67 -14.94
N ALA A 199 -8.01 -23.72 -13.94
CA ALA A 199 -8.37 -23.39 -12.56
C ALA A 199 -8.74 -21.92 -12.43
N VAL A 200 -8.03 -21.06 -13.15
CA VAL A 200 -8.32 -19.63 -13.13
C VAL A 200 -9.70 -19.40 -13.78
N ASP A 201 -9.95 -20.07 -14.91
CA ASP A 201 -11.23 -19.93 -15.61
C ASP A 201 -12.41 -20.34 -14.75
N THR A 202 -12.21 -21.34 -13.91
CA THR A 202 -13.26 -21.89 -13.04
C THR A 202 -13.42 -21.28 -11.64
N TYR A 203 -12.32 -20.94 -11.00
CA TYR A 203 -12.38 -20.43 -9.64
C TYR A 203 -12.44 -18.90 -9.49
N ILE A 204 -11.87 -18.17 -10.43
CA ILE A 204 -11.90 -16.71 -10.35
C ILE A 204 -13.12 -16.21 -11.13
N PRO A 205 -14.17 -15.78 -10.43
CA PRO A 205 -15.40 -15.28 -11.04
C PRO A 205 -15.23 -13.96 -11.78
N VAL A 206 -16.15 -13.68 -12.70
CA VAL A 206 -16.11 -12.44 -13.47
C VAL A 206 -16.63 -11.28 -12.64
N PRO A 207 -16.17 -10.06 -12.93
CA PRO A 207 -16.60 -8.87 -12.19
C PRO A 207 -18.09 -8.58 -12.44
N THR A 208 -18.82 -8.36 -11.35
CA THR A 208 -20.26 -8.08 -11.43
C THR A 208 -20.58 -6.77 -12.15
N ARG A 209 -21.73 -6.75 -12.82
CA ARG A 209 -22.18 -5.57 -13.56
C ARG A 209 -23.13 -4.72 -12.71
N ASP A 210 -23.63 -5.30 -11.63
CA ASP A 210 -24.55 -4.60 -10.73
C ASP A 210 -25.89 -4.35 -11.43
N LEU A 211 -26.20 -5.19 -12.41
CA LEU A 211 -27.43 -5.06 -13.16
C LEU A 211 -28.66 -5.24 -12.26
N GLU A 212 -28.44 -5.69 -11.03
CA GLU A 212 -29.53 -5.89 -10.09
C GLU A 212 -29.84 -4.58 -9.37
N LYS A 213 -28.88 -3.66 -9.45
CA LYS A 213 -29.04 -2.36 -8.82
C LYS A 213 -29.86 -1.41 -9.70
N PRO A 214 -30.48 -0.39 -9.09
CA PRO A 214 -31.28 0.56 -9.85
C PRO A 214 -30.40 1.24 -10.90
N PHE A 215 -30.92 1.48 -12.09
CA PHE A 215 -30.11 2.12 -13.12
C PHE A 215 -29.76 3.53 -12.73
N LEU A 216 -28.56 3.96 -13.10
CA LEU A 216 -28.07 5.29 -12.79
C LEU A 216 -27.30 5.80 -14.00
N LEU A 217 -27.76 6.90 -14.57
CA LEU A 217 -27.15 7.47 -15.76
C LEU A 217 -26.67 8.91 -15.59
N PRO A 218 -25.35 9.12 -15.54
CA PRO A 218 -24.88 10.50 -15.40
C PRO A 218 -25.05 11.22 -16.74
N VAL A 219 -25.79 12.31 -16.74
CA VAL A 219 -26.04 13.09 -17.96
C VAL A 219 -24.79 13.82 -18.44
N GLU A 220 -24.31 13.44 -19.63
CA GLU A 220 -23.13 14.06 -20.21
C GLU A 220 -23.51 15.24 -21.10
N SER A 221 -24.55 15.07 -21.90
CA SER A 221 -25.00 16.14 -22.79
C SER A 221 -26.50 16.04 -23.08
N VAL A 222 -27.07 17.14 -23.57
CA VAL A 222 -28.50 17.21 -23.89
C VAL A 222 -28.70 17.79 -25.29
N TYR A 223 -29.68 17.24 -26.02
CA TYR A 223 -30.00 17.73 -27.37
C TYR A 223 -31.39 17.26 -27.79
N SER A 224 -31.90 17.81 -28.90
CA SER A 224 -33.23 17.46 -29.40
C SER A 224 -33.25 16.81 -30.78
N ILE A 225 -34.28 16.02 -31.02
CA ILE A 225 -34.46 15.36 -32.29
C ILE A 225 -35.79 15.89 -32.84
N PRO A 226 -35.73 16.61 -33.97
CA PRO A 226 -36.93 17.18 -34.60
C PRO A 226 -38.08 16.18 -34.74
N GLY A 227 -39.18 16.48 -34.05
CA GLY A 227 -40.36 15.61 -34.12
C GLY A 227 -40.41 14.50 -33.10
N ARG A 228 -39.29 14.22 -32.43
CA ARG A 228 -39.25 13.14 -31.44
C ARG A 228 -39.12 13.65 -30.00
N GLY A 229 -38.27 14.65 -29.79
CA GLY A 229 -38.12 15.18 -28.45
C GLY A 229 -36.69 15.36 -27.96
N THR A 230 -36.57 15.49 -26.64
CA THR A 230 -35.27 15.69 -26.00
C THR A 230 -34.54 14.40 -25.66
N VAL A 231 -33.21 14.43 -25.86
CA VAL A 231 -32.34 13.29 -25.60
C VAL A 231 -31.16 13.64 -24.68
N VAL A 232 -30.92 12.80 -23.69
CA VAL A 232 -29.79 12.98 -22.79
C VAL A 232 -28.80 11.86 -23.06
N THR A 233 -27.52 12.19 -23.18
CA THR A 233 -26.52 11.17 -23.44
C THR A 233 -25.71 10.89 -22.19
N GLY A 234 -25.10 9.71 -22.14
CA GLY A 234 -24.30 9.35 -20.99
C GLY A 234 -24.00 7.86 -20.98
N THR A 235 -23.27 7.42 -19.97
CA THR A 235 -22.92 6.01 -19.85
C THR A 235 -23.51 5.43 -18.57
N LEU A 236 -24.35 4.39 -18.69
CA LEU A 236 -24.95 3.77 -17.52
C LEU A 236 -23.87 3.30 -16.54
N GLU A 237 -24.04 3.67 -15.28
CA GLU A 237 -23.09 3.29 -14.21
C GLU A 237 -23.42 1.93 -13.62
N ARG A 238 -24.70 1.57 -13.64
CA ARG A 238 -25.14 0.29 -13.09
C ARG A 238 -26.56 0.00 -13.54
N GLY A 239 -27.03 -1.21 -13.25
CA GLY A 239 -28.39 -1.58 -13.60
C GLY A 239 -28.71 -1.67 -15.07
N ILE A 240 -30.00 -1.78 -15.37
CA ILE A 240 -30.47 -1.90 -16.74
C ILE A 240 -31.59 -0.90 -17.04
N LEU A 241 -31.58 -0.36 -18.25
CA LEU A 241 -32.59 0.59 -18.68
C LEU A 241 -33.40 0.01 -19.83
N LYS A 242 -34.71 0.06 -19.70
CA LYS A 242 -35.59 -0.46 -20.74
C LYS A 242 -36.51 0.61 -21.30
N LYS A 243 -36.63 0.64 -22.62
CA LYS A 243 -37.50 1.60 -23.30
C LYS A 243 -38.86 1.55 -22.61
N GLY A 244 -39.22 2.63 -21.93
CA GLY A 244 -40.50 2.68 -21.24
C GLY A 244 -40.40 2.89 -19.75
N ASP A 245 -39.26 2.53 -19.17
CA ASP A 245 -39.07 2.70 -17.73
C ASP A 245 -39.21 4.15 -17.30
N GLU A 246 -39.71 4.34 -16.10
CA GLU A 246 -39.88 5.67 -15.55
C GLU A 246 -38.52 6.12 -15.02
N CYS A 247 -38.24 7.41 -15.16
CA CYS A 247 -36.98 7.94 -14.70
C CYS A 247 -37.17 9.13 -13.79
N GLU A 248 -36.05 9.72 -13.39
CA GLU A 248 -36.08 10.86 -12.49
C GLU A 248 -34.71 11.48 -12.51
N PHE A 249 -34.64 12.79 -12.75
CA PHE A 249 -33.36 13.46 -12.76
C PHE A 249 -33.06 14.07 -11.38
N LEU A 250 -31.84 13.85 -10.92
CA LEU A 250 -31.39 14.35 -9.62
C LEU A 250 -30.24 15.32 -9.81
N GLY A 251 -30.10 16.24 -8.87
CA GLY A 251 -29.04 17.22 -8.94
C GLY A 251 -29.61 18.59 -9.30
N HIS A 252 -30.89 18.60 -9.67
CA HIS A 252 -31.57 19.84 -10.03
C HIS A 252 -32.38 20.33 -8.84
N SER A 253 -32.42 21.65 -8.66
CA SER A 253 -33.17 22.24 -7.54
C SER A 253 -34.51 21.54 -7.41
N LYS A 254 -35.22 21.44 -8.52
CA LYS A 254 -36.52 20.79 -8.56
C LYS A 254 -36.30 19.33 -8.94
N ASN A 255 -37.17 18.46 -8.44
CA ASN A 255 -37.05 17.04 -8.74
C ASN A 255 -37.88 16.77 -9.99
N ILE A 256 -37.22 16.38 -11.07
CA ILE A 256 -37.91 16.10 -12.33
C ILE A 256 -38.17 14.61 -12.50
N ARG A 257 -39.37 14.28 -12.97
CA ARG A 257 -39.75 12.89 -13.18
C ARG A 257 -40.52 12.72 -14.48
N THR A 258 -40.20 11.66 -15.22
CA THR A 258 -40.86 11.39 -16.49
C THR A 258 -40.65 9.94 -16.95
N VAL A 259 -40.65 9.72 -18.27
CA VAL A 259 -40.48 8.37 -18.80
C VAL A 259 -39.53 8.30 -19.99
N VAL A 260 -38.79 7.22 -20.07
CA VAL A 260 -37.86 6.99 -21.18
C VAL A 260 -38.67 6.39 -22.32
N THR A 261 -38.84 7.17 -23.40
CA THR A 261 -39.60 6.70 -24.54
C THR A 261 -38.73 5.98 -25.58
N GLY A 262 -37.44 6.28 -25.60
CA GLY A 262 -36.58 5.62 -26.56
C GLY A 262 -35.11 5.56 -26.17
N ILE A 263 -34.44 4.48 -26.60
CA ILE A 263 -33.01 4.30 -26.31
C ILE A 263 -32.28 4.28 -27.64
N GLU A 264 -31.16 5.00 -27.71
CA GLU A 264 -30.39 5.10 -28.95
C GLU A 264 -28.90 4.79 -28.76
N PHE A 266 -25.45 3.93 -31.34
CA PHE A 266 -24.92 3.81 -32.69
C PHE A 266 -26.00 4.16 -33.72
N HIS A 267 -26.83 5.14 -33.38
CA HIS A 267 -27.90 5.58 -34.27
C HIS A 267 -28.91 4.47 -34.54
N LYS A 268 -28.99 3.52 -33.60
CA LYS A 268 -29.92 2.41 -33.71
C LYS A 268 -30.92 2.51 -32.56
N SER A 269 -32.21 2.39 -32.86
CA SER A 269 -33.24 2.49 -31.83
C SER A 269 -33.48 1.16 -31.10
N LEU A 270 -32.93 1.06 -29.89
CA LEU A 270 -33.08 -0.15 -29.08
C LEU A 270 -34.22 -0.02 -28.07
N ASP A 271 -34.44 -1.09 -27.31
CA ASP A 271 -35.50 -1.13 -26.31
C ASP A 271 -34.90 -1.44 -24.94
N ARG A 272 -33.60 -1.73 -24.94
CA ARG A 272 -32.91 -2.06 -23.70
C ARG A 272 -31.44 -1.64 -23.76
N ALA A 273 -30.94 -1.15 -22.63
CA ALA A 273 -29.54 -0.73 -22.51
C ALA A 273 -28.97 -1.39 -21.27
N GLU A 274 -27.67 -1.59 -21.25
CA GLU A 274 -27.03 -2.25 -20.11
C GLU A 274 -25.94 -1.43 -19.47
N ALA A 275 -25.66 -1.71 -18.20
CA ALA A 275 -24.62 -1.00 -17.46
C ALA A 275 -23.32 -1.00 -18.25
N GLY A 276 -22.73 0.18 -18.40
CA GLY A 276 -21.49 0.28 -19.15
C GLY A 276 -21.69 0.83 -20.55
N ASP A 277 -22.90 0.70 -21.07
CA ASP A 277 -23.20 1.19 -22.41
C ASP A 277 -23.37 2.70 -22.46
N ASN A 278 -22.81 3.30 -23.50
CA ASN A 278 -22.93 4.74 -23.71
C ASN A 278 -24.13 4.87 -24.62
N LEU A 279 -25.13 5.64 -24.18
CA LEU A 279 -26.34 5.78 -24.97
C LEU A 279 -26.98 7.16 -24.96
N GLY A 280 -28.09 7.23 -25.70
CA GLY A 280 -28.87 8.44 -25.79
C GLY A 280 -30.26 8.04 -25.34
N ALA A 281 -30.79 8.74 -24.34
CA ALA A 281 -32.12 8.41 -23.85
C ALA A 281 -33.11 9.50 -24.23
N LEU A 282 -34.19 9.10 -24.90
CA LEU A 282 -35.24 10.02 -25.30
C LEU A 282 -36.22 10.17 -24.14
N VAL A 283 -36.30 11.39 -23.63
CA VAL A 283 -37.18 11.69 -22.50
C VAL A 283 -38.52 12.24 -22.96
N ARG A 284 -39.57 11.91 -22.22
CA ARG A 284 -40.93 12.33 -22.57
C ARG A 284 -41.35 13.67 -21.96
N GLY A 285 -41.90 14.52 -22.82
CA GLY A 285 -42.39 15.82 -22.39
C GLY A 285 -41.44 16.72 -21.62
N LEU A 286 -40.23 16.93 -22.15
CA LEU A 286 -39.25 17.79 -21.51
C LEU A 286 -38.42 18.51 -22.55
N LYS A 287 -38.10 19.77 -22.29
CA LYS A 287 -37.32 20.55 -23.24
C LYS A 287 -35.86 20.59 -22.78
N ARG A 288 -34.95 20.87 -23.72
CA ARG A 288 -33.54 20.94 -23.42
C ARG A 288 -33.21 21.85 -22.25
N GLU A 289 -33.97 22.94 -22.14
CA GLU A 289 -33.78 23.92 -21.08
C GLU A 289 -33.95 23.31 -19.69
N ASP A 290 -34.77 22.27 -19.59
CA ASP A 290 -35.03 21.63 -18.29
C ASP A 290 -33.94 20.67 -17.83
N LEU A 291 -32.95 20.41 -18.68
CA LEU A 291 -31.88 19.49 -18.34
C LEU A 291 -30.51 20.06 -18.62
N ARG A 292 -29.48 19.39 -18.10
CA ARG A 292 -28.10 19.82 -18.30
C ARG A 292 -27.11 18.76 -17.82
N ARG A 293 -25.85 18.97 -18.18
CA ARG A 293 -24.80 18.05 -17.77
C ARG A 293 -24.69 18.09 -16.25
N GLY A 294 -24.33 16.96 -15.64
CA GLY A 294 -24.19 16.93 -14.20
C GLY A 294 -25.39 16.30 -13.51
N LEU A 295 -26.55 16.36 -14.14
CA LEU A 295 -27.73 15.76 -13.53
C LEU A 295 -27.55 14.25 -13.63
N VAL A 296 -28.32 13.51 -12.84
CA VAL A 296 -28.25 12.05 -12.85
C VAL A 296 -29.66 11.50 -13.05
N ALA A 298 -31.99 8.43 -12.81
CA ALA A 298 -32.02 7.16 -12.10
C ALA A 298 -33.43 6.64 -11.95
N LYS A 299 -33.54 5.39 -11.50
CA LYS A 299 -34.84 4.77 -11.28
C LYS A 299 -35.52 5.59 -10.19
N PRO A 300 -36.78 5.99 -10.41
CA PRO A 300 -37.56 6.77 -9.45
C PRO A 300 -37.35 6.42 -7.97
N GLY A 301 -36.90 7.42 -7.21
CA GLY A 301 -36.65 7.26 -5.79
C GLY A 301 -35.73 6.13 -5.38
N SER A 302 -34.68 5.87 -6.15
CA SER A 302 -33.75 4.78 -5.83
C SER A 302 -32.43 5.28 -5.27
N ILE A 303 -32.18 6.57 -5.44
CA ILE A 303 -30.94 7.17 -4.97
C ILE A 303 -31.20 8.23 -3.92
N GLN A 304 -30.31 8.30 -2.93
CA GLN A 304 -30.41 9.27 -1.87
C GLN A 304 -29.10 10.06 -1.85
N PRO A 305 -29.16 11.38 -2.13
CA PRO A 305 -27.98 12.25 -2.14
C PRO A 305 -27.18 12.15 -0.85
N HIS A 306 -25.86 12.31 -0.95
CA HIS A 306 -24.99 12.22 0.22
C HIS A 306 -24.05 13.42 0.30
N GLN A 307 -23.80 13.88 1.52
CA GLN A 307 -22.92 15.02 1.71
C GLN A 307 -21.65 14.68 2.50
N LYS A 308 -21.71 13.59 3.25
CA LYS A 308 -20.57 13.14 4.04
C LYS A 308 -20.09 11.78 3.57
N VAL A 309 -18.78 11.66 3.35
CA VAL A 309 -18.25 10.38 2.89
C VAL A 309 -16.89 10.01 3.49
N GLU A 310 -16.69 8.72 3.66
CA GLU A 310 -15.42 8.17 4.14
C GLU A 310 -14.90 7.43 2.92
N ALA A 311 -13.61 7.60 2.62
CA ALA A 311 -13.07 6.95 1.45
C ALA A 311 -11.57 6.67 1.50
N GLN A 312 -11.14 5.78 0.65
CA GLN A 312 -9.72 5.43 0.52
C GLN A 312 -9.25 6.43 -0.52
N VAL A 313 -8.23 7.20 -0.19
CA VAL A 313 -7.72 8.20 -1.12
C VAL A 313 -6.22 8.07 -1.34
N TYR A 314 -5.81 8.22 -2.59
CA TYR A 314 -4.42 8.18 -2.95
C TYR A 314 -4.04 9.61 -3.32
N ILE A 315 -2.94 10.10 -2.76
CA ILE A 315 -2.49 11.46 -3.04
C ILE A 315 -1.39 11.39 -4.08
N LEU A 316 -1.55 12.11 -5.18
CA LEU A 316 -0.57 12.08 -6.26
C LEU A 316 0.76 12.75 -5.96
N THR A 317 1.84 12.11 -6.43
CA THR A 317 3.18 12.67 -6.26
C THR A 317 3.29 13.80 -7.27
N LYS A 318 4.33 14.61 -7.13
CA LYS A 318 4.55 15.73 -8.04
C LYS A 318 4.85 15.18 -9.42
N GLU A 319 5.53 14.04 -9.46
CA GLU A 319 5.86 13.40 -10.72
C GLU A 319 4.61 12.93 -11.46
N GLU A 320 3.55 12.65 -10.71
CA GLU A 320 2.29 12.20 -11.31
C GLU A 320 1.37 13.39 -11.57
N GLY A 321 1.90 14.60 -11.40
CA GLY A 321 1.09 15.79 -11.63
C GLY A 321 0.41 16.34 -10.39
N GLY A 322 0.81 15.85 -9.22
CA GLY A 322 0.23 16.31 -7.98
C GLY A 322 0.95 17.49 -7.36
N ARG A 323 0.73 17.70 -6.08
CA ARG A 323 1.33 18.79 -5.33
C ARG A 323 2.76 18.46 -4.89
N HIS A 324 3.53 19.49 -4.53
CA HIS A 324 4.89 19.31 -4.05
C HIS A 324 4.83 19.16 -2.53
N LYS A 325 3.99 19.99 -1.91
CA LYS A 325 3.84 19.97 -0.46
C LYS A 325 2.65 19.11 -0.03
N PRO A 326 2.56 18.83 1.28
CA PRO A 326 1.45 18.01 1.78
C PRO A 326 0.28 18.91 2.06
N PHE A 327 -0.89 18.33 2.33
CA PHE A 327 -2.04 19.14 2.66
C PHE A 327 -2.51 18.69 4.04
N VAL A 328 -3.09 19.61 4.80
CA VAL A 328 -3.54 19.26 6.13
C VAL A 328 -5.07 19.31 6.23
N SER A 329 -5.57 19.16 7.45
CA SER A 329 -7.00 19.19 7.67
C SER A 329 -7.62 20.48 7.17
N HIS A 330 -8.93 20.38 6.93
CA HIS A 330 -9.74 21.52 6.46
C HIS A 330 -9.28 22.09 5.11
N PHE A 331 -8.53 21.29 4.35
CA PHE A 331 -8.04 21.66 3.02
C PHE A 331 -9.32 21.55 2.19
N PRO A 333 -10.38 21.23 -1.53
CA PRO A 333 -10.18 21.04 -2.97
C PRO A 333 -11.55 20.80 -3.59
N VAL A 334 -11.63 20.62 -4.91
CA VAL A 334 -12.92 20.35 -5.53
C VAL A 334 -13.06 18.89 -5.98
N PHE A 336 -14.48 15.89 -8.13
CA PHE A 336 -15.08 15.65 -9.44
C PHE A 336 -15.50 14.18 -9.45
N SER A 337 -16.77 13.93 -9.71
CA SER A 337 -17.30 12.56 -9.74
C SER A 337 -18.44 12.51 -10.76
N LEU A 338 -18.64 11.34 -11.37
CA LEU A 338 -19.66 11.15 -12.40
C LEU A 338 -19.49 12.32 -13.36
N THR A 339 -20.55 13.08 -13.63
CA THR A 339 -20.42 14.24 -14.51
C THR A 339 -20.60 15.56 -13.77
N TRP A 340 -20.44 15.53 -12.44
CA TRP A 340 -20.54 16.72 -11.61
C TRP A 340 -19.25 17.07 -10.86
N ASP A 341 -19.26 18.22 -10.19
CA ASP A 341 -18.13 18.68 -9.40
C ASP A 341 -18.69 19.52 -8.26
N ALA A 343 -17.31 21.44 -4.24
CA ALA A 343 -16.26 21.72 -3.28
C ALA A 343 -16.46 20.81 -2.07
N CYS A 344 -15.37 20.44 -1.42
CA CYS A 344 -15.46 19.57 -0.27
C CYS A 344 -14.34 19.86 0.72
N ARG A 345 -14.53 19.44 1.96
CA ARG A 345 -13.53 19.62 2.97
C ARG A 345 -13.00 18.28 3.43
N ILE A 346 -11.67 18.19 3.51
CA ILE A 346 -11.01 16.97 3.93
C ILE A 346 -10.78 16.94 5.43
N ILE A 347 -11.10 15.80 6.05
CA ILE A 347 -10.90 15.60 7.47
C ILE A 347 -9.94 14.42 7.70
N LEU A 348 -8.70 14.72 8.04
CA LEU A 348 -7.72 13.70 8.30
C LEU A 348 -8.14 12.86 9.50
N PRO A 349 -7.71 11.59 9.55
CA PRO A 349 -8.06 10.70 10.66
C PRO A 349 -7.50 11.24 11.99
N PRO A 350 -8.14 10.94 13.11
CA PRO A 350 -7.65 11.41 14.42
C PRO A 350 -6.20 11.00 14.64
N GLY A 351 -5.38 11.98 15.01
CA GLY A 351 -3.96 11.70 15.22
C GLY A 351 -3.12 12.28 14.10
N LYS A 352 -3.47 11.92 12.86
CA LYS A 352 -2.75 12.40 11.69
C LYS A 352 -3.08 13.86 11.41
N GLU A 353 -2.04 14.69 11.33
CA GLU A 353 -2.22 16.12 11.07
C GLU A 353 -1.76 16.51 9.68
N LEU A 354 -1.24 15.54 8.93
CA LEU A 354 -0.82 15.81 7.56
C LEU A 354 -0.80 14.53 6.73
N ALA A 355 -0.79 14.70 5.42
CA ALA A 355 -0.75 13.58 4.50
C ALA A 355 0.23 13.98 3.41
N PRO A 357 2.46 13.50 -0.30
CA PRO A 357 2.25 13.09 -1.69
C PRO A 357 2.69 11.63 -1.85
N GLY A 358 1.95 10.85 -2.64
CA GLY A 358 2.31 9.47 -2.86
C GLY A 358 1.77 8.53 -1.80
N GLU A 359 0.99 9.06 -0.87
CA GLU A 359 0.43 8.23 0.18
C GLU A 359 -1.04 7.94 -0.03
N ASP A 360 -1.51 6.82 0.50
CA ASP A 360 -2.93 6.48 0.42
C ASP A 360 -3.36 6.33 1.86
N LEU A 361 -4.60 6.73 2.14
CA LEU A 361 -5.14 6.64 3.49
C LEU A 361 -6.64 6.80 3.43
N LYS A 362 -7.27 6.54 4.56
CA LYS A 362 -8.71 6.70 4.67
C LYS A 362 -8.95 8.10 5.18
N LEU A 363 -9.86 8.81 4.51
CA LEU A 363 -10.19 10.17 4.86
C LEU A 363 -11.69 10.35 4.90
N THR A 364 -12.13 11.42 5.56
CA THR A 364 -13.53 11.77 5.63
C THR A 364 -13.63 13.06 4.82
N LEU A 365 -14.58 13.12 3.89
CA LEU A 365 -14.76 14.32 3.08
C LEU A 365 -16.19 14.84 3.28
N ILE A 366 -16.32 16.16 3.40
CA ILE A 366 -17.63 16.77 3.59
C ILE A 366 -17.90 17.70 2.41
N LEU A 367 -18.91 17.37 1.61
CA LEU A 367 -19.26 18.20 0.47
C LEU A 367 -19.97 19.48 0.93
N ARG A 368 -19.82 20.56 0.17
CA ARG A 368 -20.45 21.82 0.52
C ARG A 368 -21.98 21.63 0.45
N GLN A 369 -22.41 20.66 -0.35
CA GLN A 369 -23.82 20.33 -0.50
C GLN A 369 -23.99 18.90 -1.01
N PRO A 370 -25.06 18.20 -0.58
CA PRO A 370 -25.31 16.81 -1.00
C PRO A 370 -25.22 16.63 -2.52
N ILE A 372 -24.86 13.11 -5.70
CA ILE A 372 -25.00 11.68 -5.93
C ILE A 372 -23.64 11.00 -5.72
N LEU A 373 -23.41 10.54 -4.50
CA LEU A 373 -22.16 9.88 -4.14
C LEU A 373 -22.48 8.53 -3.52
N GLU A 374 -22.35 7.48 -4.32
CA GLU A 374 -22.66 6.13 -3.86
C GLU A 374 -21.41 5.38 -3.36
N LYS A 375 -21.66 4.28 -2.62
CA LYS A 375 -20.57 3.45 -2.12
C LYS A 375 -19.99 2.76 -3.34
N GLY A 376 -18.67 2.71 -3.42
CA GLY A 376 -18.03 2.06 -4.56
C GLY A 376 -17.76 3.04 -5.67
N GLN A 377 -18.27 4.26 -5.51
CA GLN A 377 -18.08 5.30 -6.51
C GLN A 377 -16.69 5.89 -6.40
N ARG A 378 -16.08 6.20 -7.54
CA ARG A 378 -14.75 6.80 -7.56
C ARG A 378 -14.84 8.29 -7.86
N PHE A 379 -13.83 9.05 -7.43
CA PHE A 379 -13.80 10.50 -7.63
C PHE A 379 -12.35 10.99 -7.68
N THR A 380 -12.17 12.27 -8.00
CA THR A 380 -10.84 12.86 -8.02
C THR A 380 -10.94 14.17 -7.28
N LEU A 381 -9.79 14.72 -6.88
CA LEU A 381 -9.76 15.98 -6.17
C LEU A 381 -8.84 16.91 -6.95
N ARG A 382 -9.31 18.12 -7.22
CA ARG A 382 -8.51 19.06 -7.95
C ARG A 382 -8.37 20.35 -7.18
N ASP A 383 -7.17 20.90 -7.22
CA ASP A 383 -6.87 22.16 -6.56
C ASP A 383 -6.43 23.05 -7.70
N GLY A 384 -7.27 24.01 -8.04
CA GLY A 384 -6.94 24.89 -9.15
C GLY A 384 -7.13 24.12 -10.45
N ASN A 385 -6.10 24.09 -11.28
CA ASN A 385 -6.21 23.38 -12.55
C ASN A 385 -5.30 22.15 -12.58
N ARG A 386 -5.47 21.28 -11.59
CA ARG A 386 -4.68 20.05 -11.53
C ARG A 386 -5.21 19.09 -10.48
N THR A 387 -5.14 17.80 -10.80
CA THR A 387 -5.60 16.77 -9.90
C THR A 387 -4.55 16.47 -8.86
N ILE A 388 -4.96 16.40 -7.60
CA ILE A 388 -4.03 16.14 -6.52
C ILE A 388 -4.32 14.81 -5.81
N GLY A 389 -5.46 14.21 -6.11
CA GLY A 389 -5.80 12.96 -5.45
C GLY A 389 -6.88 12.16 -6.15
N THR A 390 -6.99 10.88 -5.79
CA THR A 390 -8.01 10.01 -6.36
C THR A 390 -8.66 9.25 -5.21
N GLY A 391 -9.95 9.00 -5.32
CA GLY A 391 -10.63 8.29 -4.24
C GLY A 391 -11.68 7.26 -4.60
N LEU A 392 -12.03 6.46 -3.61
CA LEU A 392 -13.03 5.41 -3.75
C LEU A 392 -13.85 5.46 -2.47
N VAL A 393 -15.16 5.70 -2.60
CA VAL A 393 -16.07 5.79 -1.46
C VAL A 393 -16.25 4.47 -0.71
N THR A 394 -16.09 4.50 0.60
CA THR A 394 -16.23 3.29 1.42
C THR A 394 -17.48 3.34 2.27
N ASP A 395 -17.87 4.52 2.72
CA ASP A 395 -19.07 4.65 3.57
C ASP A 395 -19.75 6.00 3.35
N THR A 396 -21.04 6.05 3.70
CA THR A 396 -21.81 7.28 3.58
C THR A 396 -22.41 7.57 4.96
N PRO A 397 -21.55 7.80 5.96
CA PRO A 397 -21.96 8.10 7.33
C PRO A 397 -22.96 9.23 7.39
N ALA A 398 -23.80 9.20 8.41
CA ALA A 398 -24.80 10.24 8.61
C ALA A 398 -24.04 11.50 8.99
N THR A 400 -22.86 14.51 10.90
CA THR A 400 -22.94 14.83 12.33
C THR A 400 -23.07 16.33 12.60
N GLU A 401 -23.47 16.66 13.82
CA GLU A 401 -23.63 18.05 14.23
C GLU A 401 -22.38 18.83 13.91
N GLU A 402 -21.23 18.28 14.32
CA GLU A 402 -19.93 18.90 14.10
C GLU A 402 -19.73 19.22 12.62
N ASP A 403 -20.05 18.26 11.76
CA ASP A 403 -19.90 18.43 10.32
C ASP A 403 -20.79 19.54 9.80
N LYS A 404 -21.93 19.76 10.47
CA LYS A 404 -22.87 20.80 10.09
C LYS A 404 -22.37 22.17 10.53
N ASN A 405 -21.63 22.17 11.64
CA ASN A 405 -21.07 23.39 12.21
C ASN A 405 -19.86 23.92 11.45
N ILE A 406 -19.42 23.19 10.43
CA ILE A 406 -18.27 23.61 9.64
C ILE A 406 -18.45 25.01 9.08
N LYS A 407 -17.38 25.78 9.10
CA LYS A 407 -17.40 27.14 8.60
C LYS A 407 -16.75 27.14 7.21
N TRP A 408 -17.54 27.39 6.18
CA TRP A 408 -17.02 27.40 4.82
C TRP A 408 -16.44 28.73 4.41
N SER A 409 -16.10 28.85 3.12
CA SER A 409 -15.53 30.08 2.56
C SER A 409 -16.26 31.34 3.02
N SER B 1 7.46 -42.01 3.87
CA SER B 1 6.41 -42.56 4.79
C SER B 1 5.66 -41.44 5.51
N ALA B 2 4.65 -41.82 6.28
CA ALA B 2 3.86 -40.86 7.05
C ALA B 2 4.68 -40.34 8.23
N SER B 3 5.46 -41.23 8.83
CA SER B 3 6.30 -40.88 9.98
C SER B 3 7.41 -39.90 9.62
N SER B 4 8.05 -40.08 8.46
CA SER B 4 9.13 -39.17 8.07
C SER B 4 8.53 -37.82 7.68
N LYS B 5 7.39 -37.86 7.00
CA LYS B 5 6.69 -36.66 6.58
C LYS B 5 6.36 -35.82 7.81
N GLU B 6 5.93 -36.49 8.88
CA GLU B 6 5.55 -35.83 10.12
C GLU B 6 6.75 -35.13 10.77
N LEU B 7 7.90 -35.80 10.74
CA LEU B 7 9.13 -35.26 11.30
C LEU B 7 9.58 -34.01 10.54
N LEU B 8 9.47 -34.07 9.22
CA LEU B 8 9.85 -32.95 8.37
C LEU B 8 8.96 -31.73 8.66
N MET B 9 7.64 -31.95 8.73
CA MET B 9 6.69 -30.88 8.99
C MET B 9 6.92 -30.32 10.39
N LYS B 10 7.17 -31.22 11.34
CA LYS B 10 7.39 -30.81 12.71
C LYS B 10 8.63 -29.92 12.82
N LEU B 11 9.67 -30.23 12.04
CA LEU B 11 10.89 -29.42 12.09
C LEU B 11 10.65 -28.07 11.40
N ARG B 12 9.82 -28.08 10.37
CA ARG B 12 9.48 -26.86 9.63
C ARG B 12 8.71 -25.90 10.54
N ARG B 13 7.63 -26.40 11.14
CA ARG B 13 6.80 -25.60 12.02
C ARG B 13 7.64 -24.99 13.14
N LYS B 14 8.59 -25.77 13.63
CA LYS B 14 9.43 -25.37 14.74
C LYS B 14 10.50 -24.32 14.43
N THR B 15 11.16 -24.43 13.28
CA THR B 15 12.24 -23.51 12.93
C THR B 15 12.03 -22.48 11.84
N GLY B 16 11.13 -22.77 10.89
CA GLY B 16 10.90 -21.82 9.81
C GLY B 16 11.86 -21.89 8.64
N TYR B 17 12.84 -22.79 8.69
CA TYR B 17 13.77 -22.90 7.56
C TYR B 17 13.04 -23.55 6.40
N SER B 18 13.58 -23.39 5.20
CA SER B 18 12.98 -23.96 3.99
C SER B 18 12.77 -25.47 4.12
N PHE B 19 11.84 -26.01 3.34
CA PHE B 19 11.58 -27.44 3.40
C PHE B 19 12.81 -28.25 2.98
N ILE B 20 13.44 -27.83 1.90
CA ILE B 20 14.62 -28.52 1.41
C ILE B 20 15.75 -28.49 2.45
N ASN B 21 15.92 -27.37 3.15
CA ASN B 21 16.97 -27.29 4.16
C ASN B 21 16.62 -28.21 5.34
N CYS B 22 15.34 -28.26 5.68
CA CYS B 22 14.90 -29.10 6.79
C CYS B 22 15.11 -30.58 6.43
N LYS B 23 14.84 -30.92 5.17
CA LYS B 23 14.98 -32.29 4.70
C LYS B 23 16.45 -32.72 4.73
N LYS B 24 17.33 -31.85 4.28
CA LYS B 24 18.76 -32.13 4.30
C LYS B 24 19.28 -32.22 5.74
N ALA B 25 18.71 -31.41 6.63
CA ALA B 25 19.12 -31.41 8.02
C ALA B 25 18.75 -32.74 8.68
N LEU B 26 17.53 -33.19 8.44
CA LEU B 26 17.08 -34.44 9.02
C LEU B 26 17.87 -35.66 8.52
N GLU B 27 18.05 -35.79 7.21
CA GLU B 27 18.80 -36.93 6.71
C GLU B 27 20.25 -36.90 7.18
N THR B 28 20.79 -35.71 7.39
CA THR B 28 22.17 -35.55 7.87
C THR B 28 22.29 -35.93 9.34
N CYS B 29 21.20 -35.76 10.09
CA CYS B 29 21.22 -36.09 11.52
C CYS B 29 20.41 -37.36 11.85
N GLY B 30 20.33 -38.26 10.88
CA GLY B 30 19.63 -39.51 11.09
C GLY B 30 18.16 -39.45 11.44
N GLY B 31 17.52 -38.33 11.14
CA GLY B 31 16.11 -38.19 11.44
C GLY B 31 15.86 -37.71 12.86
N ASP B 32 16.92 -37.27 13.53
CA ASP B 32 16.82 -36.77 14.90
C ASP B 32 16.51 -35.28 14.91
N LEU B 33 15.28 -34.95 15.31
CA LEU B 33 14.82 -33.56 15.36
C LEU B 33 15.72 -32.56 16.08
N LYS B 34 16.10 -32.87 17.32
CA LYS B 34 16.96 -31.97 18.08
C LYS B 34 18.28 -31.71 17.38
N GLN B 35 18.91 -32.76 16.88
CA GLN B 35 20.17 -32.60 16.18
C GLN B 35 19.97 -31.83 14.87
N ALA B 36 18.92 -32.15 14.13
CA ALA B 36 18.61 -31.48 12.87
C ALA B 36 18.45 -29.97 13.11
N GLU B 37 17.64 -29.62 14.09
CA GLU B 37 17.42 -28.22 14.42
C GLU B 37 18.74 -27.52 14.74
N SER B 38 19.54 -28.11 15.64
CA SER B 38 20.83 -27.53 15.99
C SER B 38 21.69 -27.35 14.75
N TRP B 39 21.68 -28.35 13.88
CA TRP B 39 22.46 -28.31 12.64
C TRP B 39 22.02 -27.13 11.76
N LEU B 40 20.70 -26.96 11.59
CA LEU B 40 20.19 -25.87 10.77
C LEU B 40 20.65 -24.50 11.28
N HIS B 41 20.56 -24.29 12.58
CA HIS B 41 20.98 -23.00 13.15
C HIS B 41 22.46 -22.75 12.88
N LYS B 42 23.29 -23.78 13.06
CA LYS B 42 24.73 -23.64 12.83
C LYS B 42 25.06 -23.25 11.40
N GLN B 43 24.22 -23.67 10.45
CA GLN B 43 24.44 -23.37 9.04
C GLN B 43 23.87 -22.02 8.63
N ALA B 44 22.89 -21.55 9.40
CA ALA B 44 22.22 -20.27 9.16
C ALA B 44 23.13 -19.13 8.73
N GLN B 45 24.12 -18.82 9.56
CA GLN B 45 25.04 -17.71 9.26
C GLN B 45 25.73 -17.88 7.91
N LYS B 46 26.27 -19.07 7.66
CA LYS B 46 26.96 -19.33 6.40
C LYS B 46 26.00 -19.18 5.23
N GLU B 47 24.82 -19.77 5.35
CA GLU B 47 23.82 -19.69 4.31
C GLU B 47 23.50 -18.23 4.02
N GLY B 48 23.36 -17.45 5.10
CA GLY B 48 23.05 -16.04 4.97
C GLY B 48 24.08 -15.26 4.18
N TRP B 49 25.34 -15.33 4.61
CA TRP B 49 26.41 -14.63 3.92
C TRP B 49 26.42 -14.95 2.43
N SER B 50 26.30 -16.24 2.13
CA SER B 50 26.32 -16.69 0.74
C SER B 50 25.15 -16.11 -0.04
N LYS B 51 23.97 -16.12 0.57
CA LYS B 51 22.78 -15.58 -0.07
C LYS B 51 22.93 -14.07 -0.23
N ALA B 52 23.48 -13.42 0.78
CA ALA B 52 23.69 -11.98 0.75
C ALA B 52 24.60 -11.58 -0.41
N ALA B 53 25.61 -12.41 -0.68
CA ALA B 53 26.54 -12.13 -1.76
C ALA B 53 25.83 -12.28 -3.11
N ARG B 54 24.99 -13.30 -3.22
CA ARG B 54 24.25 -13.55 -4.45
C ARG B 54 23.31 -12.41 -4.82
N LEU B 55 22.52 -11.96 -3.85
CA LEU B 55 21.55 -10.88 -4.07
C LEU B 55 22.18 -9.48 -4.03
N HIS B 56 23.37 -9.35 -3.46
CA HIS B 56 24.06 -8.09 -3.38
C HIS B 56 24.05 -7.41 -4.74
N GLY B 57 23.65 -6.13 -4.77
CA GLY B 57 23.61 -5.42 -6.03
C GLY B 57 22.22 -5.10 -6.52
N ARG B 58 21.22 -5.84 -6.04
CA ARG B 58 19.84 -5.59 -6.43
C ARG B 58 19.32 -4.28 -5.86
N LYS B 59 18.39 -3.66 -6.57
CA LYS B 59 17.81 -2.39 -6.14
C LYS B 59 17.02 -2.54 -4.84
N THR B 60 17.31 -1.67 -3.87
CA THR B 60 16.62 -1.68 -2.59
C THR B 60 16.21 -0.26 -2.25
N LYS B 61 15.10 0.20 -2.84
CA LYS B 61 14.61 1.55 -2.60
C LYS B 61 13.55 1.61 -1.50
N GLU B 62 12.99 0.47 -1.14
CA GLU B 62 11.98 0.42 -0.10
C GLU B 62 12.65 0.14 1.25
N GLY B 63 11.87 0.07 2.32
CA GLY B 63 12.46 -0.17 3.62
C GLY B 63 11.76 0.58 4.74
N LEU B 64 12.49 0.89 5.82
CA LEU B 64 11.93 1.61 6.95
C LEU B 64 12.91 2.56 7.63
N ILE B 65 12.36 3.55 8.33
CA ILE B 65 13.15 4.49 9.10
C ILE B 65 12.75 4.08 10.52
N GLY B 66 13.72 3.90 11.41
CA GLY B 66 13.41 3.55 12.78
C GLY B 66 13.83 4.68 13.71
N LEU B 67 13.02 4.94 14.73
CA LEU B 67 13.29 6.00 15.72
C LEU B 67 13.27 5.40 17.10
N LEU B 68 14.39 5.43 17.80
CA LEU B 68 14.45 4.86 19.14
C LEU B 68 14.99 5.91 20.13
N GLN B 69 14.20 6.23 21.15
CA GLN B 69 14.58 7.21 22.16
C GLN B 69 14.71 6.55 23.52
N GLU B 70 15.92 6.57 24.07
CA GLU B 70 16.16 6.01 25.38
C GLU B 70 16.86 7.06 26.26
N GLY B 71 16.18 7.47 27.32
CA GLY B 71 16.75 8.48 28.21
C GLY B 71 16.95 9.79 27.49
N ASP B 72 18.19 10.24 27.39
CA ASP B 72 18.49 11.50 26.69
C ASP B 72 19.18 11.27 25.36
N THR B 73 19.12 10.04 24.87
CA THR B 73 19.72 9.73 23.58
C THR B 73 18.60 9.38 22.60
N THR B 74 18.77 9.76 21.34
CA THR B 74 17.79 9.45 20.32
C THR B 74 18.54 9.02 19.08
N VAL B 75 18.08 7.92 18.46
CA VAL B 75 18.72 7.45 17.23
C VAL B 75 17.70 7.28 16.10
N LEU B 76 18.16 7.54 14.90
CA LEU B 76 17.34 7.44 13.72
C LEU B 76 18.13 6.53 12.79
N VAL B 77 17.51 5.46 12.28
CA VAL B 77 18.20 4.54 11.38
C VAL B 77 17.38 4.25 10.13
N GLU B 78 18.06 4.00 9.01
CA GLU B 78 17.39 3.62 7.78
C GLU B 78 17.93 2.25 7.32
N VAL B 79 17.02 1.31 7.09
CA VAL B 79 17.38 -0.03 6.62
C VAL B 79 16.55 -0.27 5.37
N ASN B 80 17.21 -0.57 4.26
CA ASN B 80 16.49 -0.80 3.02
C ASN B 80 16.32 -2.28 2.62
N CYS B 81 15.33 -2.55 1.78
CA CYS B 81 15.07 -3.89 1.26
C CYS B 81 14.46 -3.71 -0.15
N GLU B 82 14.12 -4.80 -0.82
CA GLU B 82 13.59 -4.72 -2.18
C GLU B 82 12.10 -4.38 -2.33
N THR B 83 11.25 -4.98 -1.50
CA THR B 83 9.81 -4.77 -1.58
C THR B 83 9.17 -4.25 -0.30
N ASP B 84 8.03 -3.58 -0.43
CA ASP B 84 7.35 -3.08 0.75
C ASP B 84 6.64 -4.23 1.45
N PHE B 85 6.50 -5.37 0.77
CA PHE B 85 5.88 -6.53 1.42
C PHE B 85 6.82 -6.93 2.57
N VAL B 86 8.13 -6.90 2.30
CA VAL B 86 9.12 -7.23 3.32
C VAL B 86 9.23 -6.14 4.39
N SER B 87 9.23 -4.87 4.00
CA SER B 87 9.32 -3.79 4.97
C SER B 87 8.12 -3.87 5.95
N ARG B 88 7.05 -4.54 5.53
CA ARG B 88 5.87 -4.69 6.39
C ARG B 88 5.95 -5.96 7.23
N ASN B 89 6.87 -6.85 6.89
CA ASN B 89 6.99 -8.09 7.64
C ASN B 89 7.69 -7.91 8.99
N LEU B 90 7.21 -8.62 10.00
CA LEU B 90 7.78 -8.53 11.35
C LEU B 90 9.26 -8.89 11.43
N LYS B 91 9.68 -9.90 10.67
CA LYS B 91 11.08 -10.31 10.68
C LYS B 91 11.97 -9.15 10.27
N PHE B 92 11.54 -8.40 9.27
CA PHE B 92 12.33 -7.26 8.82
C PHE B 92 12.36 -6.20 9.90
N GLN B 93 11.20 -5.93 10.48
CA GLN B 93 11.08 -4.92 11.52
C GLN B 93 11.92 -5.26 12.75
N GLN B 94 12.09 -6.55 13.03
CA GLN B 94 12.90 -6.95 14.18
C GLN B 94 14.35 -6.67 13.88
N LEU B 95 14.75 -6.77 12.61
CA LEU B 95 16.11 -6.48 12.22
C LEU B 95 16.36 -4.99 12.45
N VAL B 96 15.40 -4.16 12.05
CA VAL B 96 15.52 -2.70 12.20
C VAL B 96 15.72 -2.37 13.67
N GLN B 97 14.99 -3.07 14.53
CA GLN B 97 15.11 -2.88 15.97
C GLN B 97 16.55 -3.20 16.40
N GLN B 98 17.06 -4.35 15.98
CA GLN B 98 18.44 -4.72 16.34
C GLN B 98 19.44 -3.67 15.87
N VAL B 99 19.13 -3.01 14.75
CA VAL B 99 20.01 -1.98 14.22
C VAL B 99 19.93 -0.71 15.06
N ALA B 100 18.74 -0.40 15.56
CA ALA B 100 18.51 0.78 16.38
C ALA B 100 19.20 0.61 17.73
N LEU B 101 18.96 -0.54 18.36
CA LEU B 101 19.56 -0.84 19.65
C LEU B 101 21.10 -0.86 19.54
N GLY B 102 21.59 -1.43 18.44
CA GLY B 102 23.01 -1.51 18.21
C GLY B 102 23.59 -0.11 18.10
N THR B 103 22.84 0.80 17.47
CA THR B 103 23.27 2.18 17.30
C THR B 103 23.21 2.91 18.64
N LEU B 104 22.12 2.69 19.37
CA LEU B 104 21.92 3.30 20.67
C LEU B 104 23.07 2.93 21.62
N LEU B 105 23.38 1.64 21.72
CA LEU B 105 24.45 1.16 22.58
C LEU B 105 25.79 1.78 22.21
N HIS B 106 26.04 1.89 20.91
CA HIS B 106 27.26 2.50 20.41
C HIS B 106 27.36 3.98 20.80
N CYS B 107 26.24 4.70 20.70
CA CYS B 107 26.20 6.13 21.02
C CYS B 107 26.29 6.47 22.50
N GLN B 108 25.57 5.71 23.33
CA GLN B 108 25.59 5.95 24.75
C GLN B 108 26.98 5.65 25.33
N ASN B 109 27.92 5.39 24.44
CA ASN B 109 29.28 5.10 24.84
C ASN B 109 30.22 6.13 24.23
N LEU B 110 29.67 7.03 23.43
CA LEU B 110 30.44 8.08 22.79
C LEU B 110 30.49 9.36 23.63
N LYS B 111 30.78 10.47 22.94
CA LYS B 111 30.87 11.79 23.56
C LYS B 111 29.60 12.25 24.26
N ASP B 112 29.72 12.55 25.55
CA ASP B 112 28.59 13.01 26.35
C ASP B 112 28.95 14.36 26.98
N GLN B 113 28.35 15.45 26.48
CA GLN B 113 28.63 16.80 26.98
C GLN B 113 27.62 17.31 28.01
N LEU B 114 28.00 18.35 28.74
CA LEU B 114 27.13 18.92 29.77
C LEU B 114 26.60 20.30 29.40
N SER B 115 27.37 21.03 28.60
CA SER B 115 27.00 22.38 28.23
C SER B 115 26.22 22.49 26.95
N THR B 116 26.24 21.46 26.12
CA THR B 116 25.53 21.50 24.86
C THR B 116 25.14 20.10 24.39
N TYR B 117 24.40 20.02 23.28
CA TYR B 117 23.98 18.74 22.74
C TYR B 117 25.06 18.19 21.83
N SER B 118 25.03 16.88 21.61
CA SER B 118 25.99 16.23 20.72
C SER B 118 25.19 15.53 19.62
N LYS B 119 25.70 15.61 18.39
CA LYS B 119 25.06 14.99 17.24
C LYS B 119 26.12 14.21 16.46
N GLY B 120 25.67 13.19 15.73
CA GLY B 120 26.59 12.38 14.96
C GLY B 120 25.89 11.50 13.94
N PHE B 121 26.62 11.06 12.92
CA PHE B 121 26.10 10.20 11.87
C PHE B 121 26.95 8.96 11.67
N LEU B 122 26.40 7.99 10.93
CA LEU B 122 27.11 6.76 10.62
C LEU B 122 26.73 6.31 9.22
N ASN B 123 27.73 6.13 8.36
CA ASN B 123 27.47 5.69 7.00
C ASN B 123 27.19 4.19 7.00
N SER B 124 26.89 3.65 5.82
CA SER B 124 26.61 2.22 5.66
C SER B 124 27.73 1.36 6.26
N SER B 125 28.95 1.61 5.80
CA SER B 125 30.12 0.88 6.28
C SER B 125 30.25 0.91 7.81
N GLU B 126 30.16 2.11 8.37
CA GLU B 126 30.27 2.28 9.82
C GLU B 126 29.19 1.58 10.61
N LEU B 127 27.96 1.63 10.11
CA LEU B 127 26.83 1.01 10.79
C LEU B 127 26.97 -0.52 10.76
N SER B 128 27.48 -1.02 9.64
CA SER B 128 27.65 -2.45 9.44
C SER B 128 28.66 -3.09 10.38
N GLU B 129 29.77 -2.38 10.65
CA GLU B 129 30.79 -2.92 11.55
C GLU B 129 30.41 -2.85 13.02
N LEU B 130 29.30 -2.18 13.31
CA LEU B 130 28.82 -2.05 14.69
C LEU B 130 28.56 -3.41 15.32
N PRO B 131 28.86 -3.57 16.62
CA PRO B 131 28.64 -4.82 17.34
C PRO B 131 27.15 -5.13 17.48
N ALA B 132 26.75 -6.35 17.14
CA ALA B 132 25.35 -6.72 17.28
C ALA B 132 25.04 -6.70 18.77
N GLY B 133 23.77 -6.57 19.12
CA GLY B 133 23.38 -6.52 20.52
C GLY B 133 23.94 -7.67 21.34
N PRO B 134 23.91 -7.55 22.68
CA PRO B 134 24.43 -8.60 23.58
C PRO B 134 23.66 -9.91 23.41
N GLU B 135 22.59 -9.85 22.63
CA GLU B 135 21.76 -11.02 22.38
C GLU B 135 22.41 -11.89 21.33
N ARG B 136 22.48 -11.36 20.11
CA ARG B 136 23.06 -12.07 18.98
C ARG B 136 24.57 -12.18 19.08
N GLU B 137 25.22 -12.41 17.94
CA GLU B 137 26.67 -12.53 17.85
C GLU B 137 27.16 -11.79 16.63
N GLY B 138 28.44 -11.43 16.63
CA GLY B 138 29.02 -10.72 15.49
C GLY B 138 28.53 -9.29 15.36
N SER B 139 28.67 -8.74 14.16
CA SER B 139 28.25 -7.37 13.88
C SER B 139 26.84 -7.30 13.30
N LEU B 140 26.34 -6.09 13.11
CA LEU B 140 25.02 -5.91 12.52
C LEU B 140 25.11 -6.44 11.11
N LYS B 141 26.33 -6.48 10.59
CA LYS B 141 26.58 -6.97 9.24
C LYS B 141 26.21 -8.45 9.19
N ASP B 142 26.45 -9.15 10.31
CA ASP B 142 26.14 -10.57 10.38
C ASP B 142 24.64 -10.78 10.57
N GLN B 143 24.01 -9.88 11.33
CA GLN B 143 22.58 -9.97 11.55
C GLN B 143 21.85 -9.68 10.25
N LEU B 144 22.39 -8.74 9.49
CA LEU B 144 21.78 -8.39 8.21
C LEU B 144 21.80 -9.66 7.33
N ALA B 145 22.93 -10.34 7.32
CA ALA B 145 23.07 -11.57 6.53
C ALA B 145 22.00 -12.59 6.91
N LEU B 146 21.77 -12.76 8.21
CA LEU B 146 20.77 -13.70 8.69
C LEU B 146 19.37 -13.34 8.18
N ALA B 147 19.06 -12.04 8.17
CA ALA B 147 17.75 -11.57 7.72
C ALA B 147 17.60 -11.78 6.21
N ILE B 148 18.67 -11.53 5.48
CA ILE B 148 18.69 -11.69 4.03
C ILE B 148 18.48 -13.16 3.67
N GLY B 149 18.92 -14.05 4.56
CA GLY B 149 18.77 -15.47 4.29
C GLY B 149 17.38 -15.96 4.68
N LYS B 150 16.76 -15.26 5.62
CA LYS B 150 15.44 -15.63 6.08
C LYS B 150 14.31 -15.05 5.20
N LEU B 151 14.57 -13.90 4.57
CA LEU B 151 13.56 -13.22 3.74
C LEU B 151 13.85 -13.28 2.24
N GLY B 152 15.05 -13.70 1.87
CA GLY B 152 15.40 -13.82 0.46
C GLY B 152 15.45 -12.55 -0.37
N GLU B 153 15.70 -11.42 0.27
CA GLU B 153 15.80 -10.15 -0.44
C GLU B 153 17.10 -9.43 -0.08
N ASN B 154 17.64 -8.67 -1.02
CA ASN B 154 18.84 -7.90 -0.72
C ASN B 154 18.38 -6.85 0.30
N MET B 155 19.27 -6.51 1.24
CA MET B 155 18.98 -5.53 2.27
C MET B 155 20.25 -4.72 2.54
N ILE B 156 20.07 -3.49 3.00
CA ILE B 156 21.19 -2.61 3.25
C ILE B 156 21.02 -1.76 4.50
N LEU B 157 22.09 -1.67 5.29
CA LEU B 157 22.07 -0.81 6.48
C LEU B 157 22.52 0.53 5.87
N LYS B 158 21.55 1.36 5.52
CA LYS B 158 21.84 2.62 4.85
C LYS B 158 22.59 3.68 5.65
N ARG B 159 22.04 4.09 6.78
CA ARG B 159 22.66 5.13 7.60
C ARG B 159 22.00 5.23 8.95
N ALA B 160 22.60 6.06 9.81
CA ALA B 160 22.11 6.31 11.15
C ALA B 160 22.46 7.74 11.57
N ALA B 161 21.78 8.22 12.60
CA ALA B 161 22.03 9.53 13.16
C ALA B 161 21.68 9.40 14.62
N TRP B 162 22.37 10.13 15.47
CA TRP B 162 22.09 10.07 16.89
C TRP B 162 22.21 11.47 17.46
N VAL B 163 21.62 11.67 18.62
CA VAL B 163 21.66 12.96 19.30
C VAL B 163 21.59 12.67 20.80
N LYS B 164 22.39 13.39 21.57
CA LYS B 164 22.40 13.25 23.02
C LYS B 164 22.11 14.64 23.55
N VAL B 165 21.25 14.72 24.56
CA VAL B 165 20.85 16.00 25.09
C VAL B 165 20.94 16.20 26.60
N PRO B 166 21.68 17.22 27.05
CA PRO B 166 21.80 17.47 28.49
C PRO B 166 20.63 18.40 28.87
N ALA B 167 20.50 18.69 30.16
CA ALA B 167 19.42 19.57 30.62
C ALA B 167 19.59 20.90 29.90
N GLY B 168 18.49 21.56 29.59
CA GLY B 168 18.57 22.82 28.87
C GLY B 168 18.28 22.62 27.39
N PHE B 169 18.27 21.36 26.96
CA PHE B 169 17.99 21.04 25.56
C PHE B 169 16.88 19.99 25.46
N TYR B 170 16.18 20.02 24.32
CA TYR B 170 15.06 19.11 24.11
C TYR B 170 14.99 18.64 22.66
N VAL B 171 14.61 17.37 22.48
CA VAL B 171 14.48 16.81 21.15
C VAL B 171 13.02 16.48 20.79
N GLY B 172 12.51 17.16 19.77
CA GLY B 172 11.16 16.89 19.31
C GLY B 172 11.32 15.86 18.21
N SER B 173 10.41 14.88 18.14
CA SER B 173 10.52 13.85 17.11
C SER B 173 9.18 13.42 16.53
N TYR B 174 9.23 12.96 15.29
CA TYR B 174 8.04 12.49 14.59
C TYR B 174 8.38 11.50 13.48
N VAL B 175 7.60 10.43 13.42
CA VAL B 175 7.77 9.42 12.36
C VAL B 175 6.45 9.46 11.61
N HIS B 176 6.52 9.61 10.29
CA HIS B 176 5.30 9.64 9.48
C HIS B 176 5.10 8.31 8.76
N GLY B 177 3.86 7.85 8.66
CA GLY B 177 3.56 6.59 8.01
C GLY B 177 3.97 5.45 8.91
N ALA B 178 3.70 5.62 10.21
CA ALA B 178 4.07 4.61 11.20
C ALA B 178 3.42 3.27 10.94
N MET B 179 4.10 2.22 11.37
CA MET B 179 3.62 0.86 11.21
C MET B 179 3.30 0.28 12.58
N HIS B 180 2.18 -0.40 12.69
CA HIS B 180 1.83 -1.00 13.96
C HIS B 180 2.67 -2.24 14.21
N SER B 181 3.26 -2.33 15.40
CA SER B 181 4.07 -3.46 15.79
C SER B 181 4.44 -3.25 17.26
N PRO B 182 3.50 -3.58 18.17
CA PRO B 182 3.61 -3.47 19.62
C PRO B 182 4.65 -4.34 20.32
N SER B 183 5.25 -5.28 19.59
CA SER B 183 6.25 -6.17 20.16
C SER B 183 7.62 -5.50 20.25
N LEU B 184 7.78 -4.39 19.51
CA LEU B 184 9.04 -3.65 19.49
C LEU B 184 8.93 -2.39 20.35
N HIS B 185 8.84 -2.61 21.66
CA HIS B 185 8.72 -1.53 22.64
C HIS B 185 9.59 -0.31 22.39
N ASN B 186 8.97 0.87 22.44
CA ASN B 186 9.64 2.15 22.26
C ASN B 186 10.08 2.51 20.85
N LEU B 187 10.23 1.51 19.99
CA LEU B 187 10.64 1.76 18.62
C LEU B 187 9.45 2.21 17.78
N VAL B 188 9.69 3.15 16.87
CA VAL B 188 8.64 3.65 15.98
C VAL B 188 9.20 3.57 14.56
N LEU B 189 8.50 2.86 13.69
CA LEU B 189 8.93 2.64 12.32
C LEU B 189 8.03 3.34 11.32
N GLY B 190 8.61 3.82 10.22
CA GLY B 190 7.79 4.48 9.22
C GLY B 190 8.60 4.85 7.99
N LYS B 191 8.00 5.67 7.13
CA LYS B 191 8.63 6.09 5.90
C LYS B 191 9.45 7.40 6.05
N TYR B 192 9.05 8.25 6.99
CA TYR B 192 9.77 9.50 7.24
C TYR B 192 10.02 9.65 8.74
N GLY B 193 11.20 10.16 9.08
CA GLY B 193 11.53 10.37 10.48
C GLY B 193 12.25 11.70 10.63
N ALA B 194 11.92 12.44 11.68
CA ALA B 194 12.57 13.73 11.91
C ALA B 194 12.88 13.99 13.36
N LEU B 195 14.00 14.65 13.58
CA LEU B 195 14.41 15.02 14.93
C LEU B 195 14.62 16.53 14.90
N VAL B 196 14.12 17.23 15.91
CA VAL B 196 14.29 18.68 15.97
C VAL B 196 14.92 18.98 17.33
N ILE B 197 16.18 19.42 17.29
CA ILE B 197 16.91 19.73 18.51
C ILE B 197 16.63 21.17 18.94
N CYS B 198 16.17 21.31 20.18
CA CYS B 198 15.82 22.63 20.71
C CYS B 198 16.54 22.97 22.02
N GLU B 199 16.63 24.27 22.27
CA GLU B 199 17.24 24.78 23.49
C GLU B 199 16.06 25.37 24.26
N THR B 200 15.88 24.96 25.51
CA THR B 200 14.76 25.46 26.28
C THR B 200 14.86 25.13 27.77
N SER B 201 14.35 26.02 28.61
CA SER B 201 14.36 25.79 30.05
C SER B 201 12.96 25.33 30.51
N GLU B 202 12.02 25.25 29.57
CA GLU B 202 10.67 24.79 29.91
C GLU B 202 10.73 23.29 30.24
N LEU B 203 9.85 22.84 31.13
CA LEU B 203 9.84 21.43 31.50
C LEU B 203 9.47 20.55 30.30
N LYS B 204 10.24 19.49 30.09
CA LYS B 204 9.99 18.58 28.99
C LYS B 204 8.57 18.01 29.02
N ALA B 205 8.03 17.82 30.22
CA ALA B 205 6.70 17.28 30.37
C ALA B 205 5.58 18.13 29.74
N ASN B 206 5.88 19.38 29.37
CA ASN B 206 4.88 20.26 28.75
C ASN B 206 5.19 20.56 27.28
N LEU B 207 6.10 19.79 26.68
CA LEU B 207 6.50 20.03 25.29
C LEU B 207 6.23 18.88 24.31
N ALA B 208 5.56 17.83 24.76
CA ALA B 208 5.29 16.70 23.88
C ALA B 208 4.59 17.07 22.57
N ASP B 209 3.49 17.83 22.63
CA ASP B 209 2.80 18.20 21.40
C ASP B 209 3.61 19.12 20.52
N LEU B 210 4.25 20.10 21.14
CA LEU B 210 5.10 21.04 20.41
C LEU B 210 6.18 20.24 19.71
N GLY B 211 6.82 19.34 20.46
CA GLY B 211 7.88 18.51 19.90
C GLY B 211 7.40 17.73 18.68
N ARG B 212 6.22 17.09 18.80
CA ARG B 212 5.68 16.32 17.68
C ARG B 212 5.40 17.23 16.50
N ARG B 213 4.82 18.40 16.79
CA ARG B 213 4.50 19.35 15.74
C ARG B 213 5.70 19.89 14.99
N LEU B 214 6.81 20.10 15.70
CA LEU B 214 7.99 20.58 15.01
C LEU B 214 8.46 19.45 14.07
N GLY B 215 8.37 18.22 14.55
CA GLY B 215 8.77 17.08 13.73
C GLY B 215 7.89 16.99 12.49
N GLN B 216 6.59 17.20 12.67
CA GLN B 216 5.64 17.16 11.56
C GLN B 216 6.03 18.19 10.52
N HIS B 217 6.37 19.39 10.99
CA HIS B 217 6.77 20.47 10.11
C HIS B 217 8.00 20.09 9.30
N VAL B 218 9.00 19.48 9.94
CA VAL B 218 10.21 19.08 9.22
C VAL B 218 9.90 18.04 8.13
N VAL B 219 9.06 17.06 8.45
CA VAL B 219 8.69 16.04 7.47
C VAL B 219 7.94 16.67 6.30
N GLY B 220 6.90 17.45 6.61
CA GLY B 220 6.09 18.07 5.58
C GLY B 220 6.70 19.20 4.78
N MET B 221 7.57 19.99 5.38
CA MET B 221 8.17 21.13 4.68
C MET B 221 9.61 20.93 4.25
N ALA B 222 10.22 19.84 4.70
CA ALA B 222 11.61 19.53 4.37
C ALA B 222 12.55 20.74 4.25
N PRO B 223 12.81 21.44 5.36
CA PRO B 223 13.71 22.59 5.29
C PRO B 223 15.15 22.12 5.01
N LEU B 224 15.96 22.98 4.41
CA LEU B 224 17.35 22.64 4.11
C LEU B 224 18.32 23.22 5.14
N SER B 225 17.82 24.12 5.98
CA SER B 225 18.64 24.73 7.02
C SER B 225 17.74 25.34 8.09
N VAL B 226 18.32 25.61 9.26
CA VAL B 226 17.58 26.19 10.37
C VAL B 226 17.14 27.63 10.10
N GLY B 227 18.05 28.43 9.53
CA GLY B 227 17.70 29.81 9.23
C GLY B 227 17.81 30.70 10.45
N SER B 228 17.01 31.75 10.50
CA SER B 228 17.04 32.68 11.63
C SER B 228 15.74 33.42 11.84
N LEU B 229 15.51 33.85 13.07
CA LEU B 229 14.30 34.59 13.41
C LEU B 229 14.37 36.01 12.84
N ASP B 230 15.58 36.46 12.53
CA ASP B 230 15.78 37.81 11.99
C ASP B 230 15.32 37.92 10.53
N ASP B 231 15.40 36.82 9.79
CA ASP B 231 14.99 36.84 8.40
C ASP B 231 13.49 36.99 8.28
N GLU B 232 13.04 37.47 7.12
CA GLU B 232 11.62 37.68 6.86
C GLU B 232 10.96 36.42 6.30
N PRO B 233 9.63 36.31 6.45
CA PRO B 233 8.92 35.13 5.94
C PRO B 233 9.37 34.83 4.51
N GLY B 234 9.40 33.55 4.14
CA GLY B 234 9.87 33.20 2.81
C GLY B 234 8.91 32.57 1.82
N GLY B 235 7.63 32.49 2.18
CA GLY B 235 6.67 31.89 1.27
C GLY B 235 6.73 30.38 1.21
N GLU B 236 5.81 29.78 0.46
CA GLU B 236 5.73 28.33 0.32
C GLU B 236 6.96 27.63 -0.25
N ALA B 237 7.92 28.41 -0.72
CA ALA B 237 9.14 27.83 -1.30
C ALA B 237 10.38 28.10 -0.47
N GLU B 238 10.20 28.57 0.76
CA GLU B 238 11.32 28.88 1.65
C GLU B 238 12.11 27.63 2.04
N THR B 239 13.42 27.81 2.21
CA THR B 239 14.36 26.75 2.57
C THR B 239 14.81 26.78 4.04
N LYS B 240 14.89 27.97 4.61
CA LYS B 240 15.29 28.13 6.00
C LYS B 240 14.11 27.79 6.91
N MET B 241 14.27 26.77 7.75
CA MET B 241 13.19 26.33 8.63
C MET B 241 12.44 27.43 9.35
N LEU B 242 13.16 28.28 10.07
CA LEU B 242 12.51 29.34 10.83
C LEU B 242 11.65 30.34 10.03
N SER B 243 11.96 30.53 8.75
CA SER B 243 11.22 31.46 7.89
C SER B 243 10.08 30.80 7.09
N GLN B 244 10.03 29.47 7.10
CA GLN B 244 9.01 28.73 6.37
C GLN B 244 7.60 28.89 6.94
N PRO B 245 6.60 28.90 6.05
CA PRO B 245 5.22 29.04 6.52
C PRO B 245 4.94 27.83 7.40
N TYR B 246 4.59 28.06 8.66
CA TYR B 246 4.31 26.97 9.60
C TYR B 246 3.34 25.98 8.97
N LEU B 247 3.69 24.70 9.07
CA LEU B 247 2.86 23.63 8.51
C LEU B 247 1.37 23.71 8.83
N LEU B 248 1.03 23.75 10.12
CA LEU B 248 -0.37 23.77 10.50
C LEU B 248 -1.06 25.16 10.55
N ASP B 249 -0.38 26.18 10.05
CA ASP B 249 -0.89 27.56 9.97
C ASP B 249 0.12 28.42 9.19
N PRO B 250 -0.02 28.44 7.85
CA PRO B 250 0.85 29.20 6.93
C PRO B 250 0.86 30.70 7.19
N SER B 251 -0.16 31.18 7.89
CA SER B 251 -0.23 32.61 8.23
C SER B 251 1.07 33.05 8.91
N ILE B 252 1.59 32.21 9.78
CA ILE B 252 2.81 32.53 10.51
C ILE B 252 3.94 31.61 10.11
N THR B 253 5.16 32.07 10.37
CA THR B 253 6.35 31.28 10.07
C THR B 253 6.53 30.28 11.22
N LEU B 254 7.45 29.34 11.04
CA LEU B 254 7.71 28.37 12.08
C LEU B 254 8.33 29.05 13.29
N GLY B 255 9.15 30.06 13.03
CA GLY B 255 9.78 30.79 14.11
C GLY B 255 8.74 31.48 14.99
N GLN B 256 7.74 32.08 14.36
CA GLN B 256 6.68 32.76 15.10
C GLN B 256 5.82 31.77 15.86
N TYR B 257 5.75 30.54 15.35
CA TYR B 257 4.97 29.50 16.01
C TYR B 257 5.67 29.00 17.27
N VAL B 258 6.97 28.75 17.14
CA VAL B 258 7.72 28.21 18.28
C VAL B 258 8.19 29.20 19.34
N GLN B 259 8.63 30.39 18.93
CA GLN B 259 9.12 31.39 19.87
C GLN B 259 8.28 31.57 21.16
N PRO B 260 6.96 31.71 21.02
CA PRO B 260 6.06 31.89 22.18
C PRO B 260 6.11 30.77 23.22
N HIS B 261 6.45 29.56 22.79
CA HIS B 261 6.51 28.41 23.70
C HIS B 261 7.79 28.33 24.51
N GLY B 262 8.65 29.35 24.38
CA GLY B 262 9.90 29.37 25.12
C GLY B 262 10.84 28.31 24.60
N VAL B 263 10.87 28.16 23.28
CA VAL B 263 11.72 27.16 22.66
C VAL B 263 12.40 27.71 21.41
N SER B 264 13.71 27.46 21.28
CA SER B 264 14.42 27.89 20.08
C SER B 264 14.95 26.65 19.37
N VAL B 265 14.80 26.61 18.05
CA VAL B 265 15.27 25.50 17.24
C VAL B 265 16.73 25.74 16.85
N VAL B 266 17.61 24.81 17.22
CA VAL B 266 19.02 24.96 16.91
C VAL B 266 19.57 23.97 15.89
N ASP B 267 18.82 22.90 15.58
CA ASP B 267 19.31 21.90 14.60
C ASP B 267 18.22 20.85 14.34
N PHE B 268 18.36 20.07 13.28
CA PHE B 268 17.36 19.04 12.94
C PHE B 268 17.89 17.97 11.99
N VAL B 269 17.24 16.81 11.99
CA VAL B 269 17.60 15.69 11.12
C VAL B 269 16.34 15.15 10.46
N ARG B 270 16.37 15.02 9.13
CA ARG B 270 15.22 14.50 8.39
C ARG B 270 15.59 13.28 7.55
N PHE B 271 15.00 12.12 7.88
CA PHE B 271 15.26 10.91 7.10
C PHE B 271 14.01 10.49 6.31
N GLU B 272 14.17 10.34 5.00
CA GLU B 272 13.09 9.89 4.13
C GLU B 272 13.60 8.57 3.52
N CYS B 273 12.90 7.47 3.77
CA CYS B 273 13.32 6.16 3.28
C CYS B 273 13.50 6.10 1.77
N GLY B 274 14.69 5.69 1.35
CA GLY B 274 14.98 5.57 -0.07
C GLY B 274 15.34 6.86 -0.79
N GLU B 275 15.53 7.94 -0.04
CA GLU B 275 15.88 9.22 -0.66
C GLU B 275 17.32 9.18 -1.16
N GLY B 276 17.58 9.87 -2.26
CA GLY B 276 18.91 9.89 -2.82
C GLY B 276 19.54 8.51 -2.89
#